data_3AKJ
#
_entry.id   3AKJ
#
_cell.length_a   255.195
_cell.length_b   56.980
_cell.length_c   48.638
_cell.angle_alpha   90.000
_cell.angle_beta   93.280
_cell.angle_gamma   90.000
#
_symmetry.space_group_name_H-M   'C 1 2 1'
#
loop_
_entity.id
_entity.type
_entity.pdbx_description
1 polymer CtkA
2 water water
#
_entity_poly.entity_id   1
_entity_poly.type   'polypeptide(L)'
_entity_poly.pdbx_seq_one_letter_code
;MPTIDFTFCEINPKKGFGGANGNKISLFYNNELYMVKFPPKPSTHKEMSYTNGCFSEYVACHIVNSLGLKVQETLLGTYK
NKIVVACKDFTTHQYELVDFLSLKNTMIELEKSGKDTNLNDVLYAIDNQHFIEPKVLKCFFWDMFVADTLLGNFDRHNGN
WGFLRASNSKEYQIAPIFDCGSCLYPQADDVVCQKVLSNIDELNARIYNFPQSILKDDNDKKINYYDFLTQTNNKDCLDA
LLRIYPRIDMNKIHSIIDNTPFMSEIHKEFLHTMLDERKSKIIDVAHTRAIELSLQHKQAHSNPYDNADDLDNSNEYTPT
PKRRR
;
_entity_poly.pdbx_strand_id   A,B
#
# COMPACT_ATOMS: atom_id res chain seq x y z
N PRO A 2 4.16 -21.16 -2.36
CA PRO A 2 3.23 -20.58 -3.32
C PRO A 2 1.98 -20.03 -2.63
N THR A 3 1.21 -20.94 -2.05
CA THR A 3 -0.04 -20.58 -1.40
C THR A 3 0.20 -20.31 0.09
N ILE A 4 -0.35 -19.20 0.59
CA ILE A 4 -0.22 -18.85 1.99
C ILE A 4 -1.19 -19.64 2.84
N ASP A 5 -0.70 -20.13 3.98
CA ASP A 5 -1.56 -20.71 4.99
C ASP A 5 -1.54 -19.84 6.24
N PHE A 6 -2.72 -19.46 6.70
CA PHE A 6 -2.87 -18.52 7.82
C PHE A 6 -3.12 -19.25 9.13
N THR A 7 -3.15 -20.57 9.06
CA THR A 7 -3.62 -21.40 10.16
C THR A 7 -2.91 -21.15 11.49
N PHE A 8 -1.61 -20.85 11.41
CA PHE A 8 -0.82 -20.66 12.62
C PHE A 8 -0.57 -19.19 12.92
N CYS A 9 -1.24 -18.30 12.20
CA CYS A 9 -1.09 -16.87 12.46
C CYS A 9 -1.68 -16.47 13.81
N GLU A 10 -0.94 -15.61 14.53
CA GLU A 10 -1.40 -15.10 15.82
C GLU A 10 -2.74 -14.41 15.65
N ILE A 11 -3.71 -14.80 16.47
CA ILE A 11 -5.03 -14.20 16.41
C ILE A 11 -5.08 -12.86 17.12
N ASN A 12 -5.86 -11.93 16.60
CA ASN A 12 -6.07 -10.67 17.27
C ASN A 12 -7.35 -10.72 18.10
N PRO A 13 -7.20 -10.78 19.42
CA PRO A 13 -8.35 -10.87 20.34
C PRO A 13 -9.35 -9.73 20.15
N ASN A 23 -18.59 -14.60 9.01
CA ASN A 23 -17.50 -15.37 9.62
C ASN A 23 -16.13 -14.76 9.32
N LYS A 24 -15.63 -13.98 10.27
CA LYS A 24 -14.36 -13.29 10.08
C LYS A 24 -13.49 -13.33 11.35
N ILE A 25 -12.20 -13.62 11.17
CA ILE A 25 -11.25 -13.55 12.27
C ILE A 25 -10.15 -12.54 11.97
N SER A 26 -9.71 -11.84 13.00
CA SER A 26 -8.68 -10.83 12.84
C SER A 26 -7.35 -11.43 13.27
N LEU A 27 -6.40 -11.52 12.35
CA LEU A 27 -5.09 -12.09 12.69
C LEU A 27 -3.89 -11.30 12.14
N PHE A 28 -2.72 -11.59 12.67
CA PHE A 28 -1.50 -10.87 12.32
C PHE A 28 -0.72 -11.60 11.25
N TYR A 29 -0.41 -10.91 10.18
CA TYR A 29 0.38 -11.51 9.11
C TYR A 29 1.36 -10.50 8.60
N ASN A 30 2.62 -10.89 8.45
CA ASN A 30 3.67 -9.97 8.04
C ASN A 30 3.66 -8.69 8.90
N ASN A 31 3.48 -8.87 10.20
CA ASN A 31 3.48 -7.76 11.18
C ASN A 31 2.31 -6.80 11.04
N GLU A 32 1.31 -7.19 10.26
CA GLU A 32 0.16 -6.31 10.07
C GLU A 32 -1.14 -7.07 10.28
N LEU A 33 -2.19 -6.35 10.66
CA LEU A 33 -3.48 -6.96 10.95
C LEU A 33 -4.28 -7.22 9.67
N TYR A 34 -4.81 -8.44 9.53
CA TYR A 34 -5.69 -8.78 8.42
C TYR A 34 -7.01 -9.31 8.96
N MET A 35 -8.09 -9.03 8.22
CA MET A 35 -9.36 -9.65 8.51
C MET A 35 -9.55 -10.80 7.55
N VAL A 36 -9.71 -11.99 8.10
CA VAL A 36 -9.83 -13.18 7.29
C VAL A 36 -11.31 -13.55 7.17
N LYS A 37 -11.76 -13.65 5.93
CA LYS A 37 -13.15 -13.92 5.62
C LYS A 37 -13.31 -15.36 5.16
N PHE A 38 -14.31 -16.04 5.71
CA PHE A 38 -14.57 -17.44 5.37
C PHE A 38 -15.70 -17.57 4.36
N PRO A 39 -15.67 -18.64 3.56
CA PRO A 39 -16.77 -18.93 2.62
C PRO A 39 -18.01 -19.36 3.38
N PRO A 40 -19.20 -19.01 2.88
CA PRO A 40 -20.48 -19.41 3.48
C PRO A 40 -20.66 -20.92 3.45
N THR A 51 -20.98 -18.57 -2.06
CA THR A 51 -20.15 -19.77 -2.19
C THR A 51 -18.74 -19.39 -2.64
N ASN A 52 -18.67 -18.57 -3.68
CA ASN A 52 -17.41 -18.12 -4.25
C ASN A 52 -17.08 -16.69 -3.86
N GLY A 53 -17.63 -16.27 -2.71
CA GLY A 53 -17.47 -14.91 -2.26
C GLY A 53 -16.03 -14.55 -1.95
N CYS A 54 -15.24 -15.55 -1.56
CA CYS A 54 -13.84 -15.29 -1.18
C CYS A 54 -13.08 -15.01 -2.44
N PHE A 55 -13.34 -15.83 -3.45
CA PHE A 55 -12.75 -15.64 -4.77
C PHE A 55 -13.24 -14.33 -5.40
N SER A 56 -14.54 -14.07 -5.24
CA SER A 56 -15.10 -12.81 -5.76
C SER A 56 -14.36 -11.61 -5.19
N GLU A 57 -14.27 -11.56 -3.85
CA GLU A 57 -13.60 -10.46 -3.19
C GLU A 57 -12.17 -10.27 -3.70
N TYR A 58 -11.42 -11.37 -3.75
CA TYR A 58 -10.01 -11.28 -4.13
C TYR A 58 -9.81 -10.84 -5.58
N VAL A 59 -10.51 -11.51 -6.49
CA VAL A 59 -10.38 -11.20 -7.90
C VAL A 59 -10.87 -9.77 -8.15
N ALA A 60 -12.00 -9.42 -7.58
CA ALA A 60 -12.57 -8.10 -7.79
C ALA A 60 -11.64 -6.98 -7.28
N CYS A 61 -11.06 -7.17 -6.09
CA CYS A 61 -10.18 -6.12 -5.58
C CYS A 61 -8.93 -6.01 -6.42
N HIS A 62 -8.41 -7.13 -6.88
CA HIS A 62 -7.25 -7.09 -7.77
C HIS A 62 -7.57 -6.43 -9.10
N ILE A 63 -8.78 -6.63 -9.59
CA ILE A 63 -9.21 -5.94 -10.81
C ILE A 63 -9.32 -4.43 -10.56
N VAL A 64 -9.88 -4.07 -9.41
CA VAL A 64 -9.98 -2.67 -9.07
C VAL A 64 -8.59 -2.07 -9.03
N ASN A 65 -7.65 -2.78 -8.43
CA ASN A 65 -6.28 -2.30 -8.34
C ASN A 65 -5.76 -2.04 -9.74
N SER A 66 -6.11 -2.94 -10.66
CA SER A 66 -5.60 -2.87 -12.03
C SER A 66 -6.22 -1.69 -12.79
N LEU A 67 -7.31 -1.15 -12.26
CA LEU A 67 -7.93 0.04 -12.83
C LEU A 67 -7.28 1.32 -12.31
N GLY A 68 -6.31 1.18 -11.43
CA GLY A 68 -5.64 2.34 -10.83
C GLY A 68 -6.44 3.01 -9.72
N LEU A 69 -7.42 2.30 -9.18
CA LEU A 69 -8.21 2.80 -8.06
C LEU A 69 -7.65 2.26 -6.75
N LYS A 70 -7.70 3.09 -5.70
CA LYS A 70 -7.20 2.68 -4.40
C LYS A 70 -8.14 1.66 -3.80
N VAL A 71 -7.59 0.55 -3.35
CA VAL A 71 -8.39 -0.56 -2.89
C VAL A 71 -7.67 -1.31 -1.76
N GLN A 72 -8.43 -1.96 -0.89
CA GLN A 72 -7.84 -2.76 0.16
C GLN A 72 -6.96 -3.87 -0.43
N GLU A 73 -5.90 -4.22 0.30
CA GLU A 73 -5.00 -5.29 -0.12
C GLU A 73 -5.67 -6.63 0.19
N THR A 74 -5.57 -7.58 -0.73
CA THR A 74 -6.20 -8.88 -0.51
C THR A 74 -5.26 -10.04 -0.84
N LEU A 75 -5.41 -11.13 -0.10
CA LEU A 75 -4.64 -12.36 -0.33
C LEU A 75 -5.62 -13.50 -0.25
N LEU A 76 -5.41 -14.51 -1.08
CA LEU A 76 -6.19 -15.74 -1.00
C LEU A 76 -5.28 -16.82 -0.44
N GLY A 77 -5.76 -17.56 0.55
CA GLY A 77 -4.93 -18.58 1.14
C GLY A 77 -5.82 -19.60 1.81
N THR A 78 -5.25 -20.32 2.76
CA THR A 78 -6.03 -21.31 3.48
C THR A 78 -5.99 -21.06 4.99
N TYR A 79 -7.04 -21.47 5.68
CA TYR A 79 -7.06 -21.42 7.14
C TYR A 79 -7.68 -22.71 7.61
N LYS A 80 -6.83 -23.58 8.14
CA LYS A 80 -7.25 -24.93 8.48
C LYS A 80 -7.70 -25.64 7.21
N ASN A 81 -8.94 -26.08 7.15
CA ASN A 81 -9.41 -26.75 5.94
C ASN A 81 -10.27 -25.86 5.04
N LYS A 82 -10.01 -24.56 5.06
CA LYS A 82 -10.87 -23.62 4.32
C LYS A 82 -10.08 -22.63 3.46
N ILE A 83 -10.63 -22.28 2.31
CA ILE A 83 -10.03 -21.25 1.48
C ILE A 83 -10.59 -19.93 1.98
N VAL A 84 -9.70 -18.97 2.22
CA VAL A 84 -10.13 -17.70 2.79
C VAL A 84 -9.53 -16.56 1.98
N VAL A 85 -10.19 -15.40 2.06
CA VAL A 85 -9.58 -14.19 1.56
C VAL A 85 -9.20 -13.33 2.76
N ALA A 86 -7.95 -12.90 2.78
CA ALA A 86 -7.46 -12.06 3.86
C ALA A 86 -7.38 -10.61 3.36
N CYS A 87 -8.05 -9.71 4.07
CA CYS A 87 -8.08 -8.30 3.68
C CYS A 87 -7.29 -7.47 4.69
N LYS A 88 -6.28 -6.73 4.22
CA LYS A 88 -5.43 -6.00 5.13
C LYS A 88 -6.17 -4.83 5.77
N ASP A 89 -6.03 -4.71 7.09
CA ASP A 89 -6.67 -3.61 7.81
C ASP A 89 -6.06 -2.29 7.37
N PHE A 90 -6.87 -1.36 6.86
CA PHE A 90 -6.33 -0.06 6.48
C PHE A 90 -6.59 1.01 7.54
N THR A 91 -7.27 0.63 8.61
CA THR A 91 -7.47 1.55 9.68
C THR A 91 -6.28 1.39 10.56
N THR A 92 -5.10 1.56 10.01
CA THR A 92 -3.93 1.45 10.79
C THR A 92 -4.13 2.62 11.70
N HIS A 93 -3.79 2.45 12.95
CA HIS A 93 -4.32 3.16 14.08
C HIS A 93 -3.86 4.55 13.79
N GLN A 94 -4.59 5.50 14.33
CA GLN A 94 -4.60 6.93 14.02
C GLN A 94 -5.55 7.19 12.87
N TYR A 95 -6.19 6.13 12.39
CA TYR A 95 -7.24 6.30 11.40
C TYR A 95 -8.39 5.43 11.73
N GLU A 96 -9.58 6.00 11.72
CA GLU A 96 -10.79 5.23 11.96
C GLU A 96 -11.65 5.25 10.71
N LEU A 97 -12.29 4.12 10.41
CA LEU A 97 -13.26 4.04 9.31
C LEU A 97 -14.58 4.67 9.71
N VAL A 98 -15.07 5.59 8.89
CA VAL A 98 -16.41 6.12 9.07
C VAL A 98 -17.15 5.82 7.78
N ASP A 99 -18.15 4.93 7.84
CA ASP A 99 -18.79 4.54 6.58
C ASP A 99 -19.80 5.59 6.10
N PHE A 100 -20.09 5.56 4.80
CA PHE A 100 -20.99 6.55 4.22
C PHE A 100 -22.34 6.52 4.93
N LEU A 101 -22.79 5.32 5.27
CA LEU A 101 -24.06 5.11 5.96
C LEU A 101 -24.17 5.98 7.23
N SER A 102 -23.08 5.98 8.01
CA SER A 102 -23.09 6.72 9.27
C SER A 102 -23.20 8.23 9.01
N LEU A 103 -22.48 8.71 8.01
CA LEU A 103 -22.58 10.10 7.59
C LEU A 103 -24.01 10.39 7.10
N LYS A 104 -24.49 9.56 6.19
CA LYS A 104 -25.81 9.80 5.58
C LYS A 104 -26.92 9.84 6.64
N ASN A 105 -26.77 9.01 7.67
CA ASN A 105 -27.77 8.86 8.71
C ASN A 105 -27.95 10.12 9.56
N THR A 106 -26.93 10.98 9.53
CA THR A 106 -26.94 12.18 10.36
C THR A 106 -27.57 13.33 9.60
N MET A 107 -27.93 13.11 8.35
CA MET A 107 -28.45 14.20 7.54
C MET A 107 -29.95 14.32 7.65
N ILE A 108 -30.39 15.27 8.49
CA ILE A 108 -31.80 15.41 8.81
C ILE A 108 -32.70 15.82 7.63
N GLU A 109 -32.15 16.58 6.67
CA GLU A 109 -32.93 16.96 5.49
C GLU A 109 -33.40 15.74 4.70
N LEU A 110 -32.70 14.63 4.85
CA LEU A 110 -33.10 13.42 4.18
C LEU A 110 -34.15 12.66 5.01
N GLU A 111 -35.33 12.50 4.42
CA GLU A 111 -36.42 11.78 5.05
C GLU A 111 -36.05 10.32 5.30
N LYS A 112 -35.62 9.65 4.24
CA LYS A 112 -35.23 8.26 4.34
C LYS A 112 -33.98 8.13 5.19
N SER A 113 -33.81 6.98 5.83
CA SER A 113 -32.69 6.77 6.74
C SER A 113 -31.42 6.48 5.96
N GLY A 114 -30.28 6.52 6.66
CA GLY A 114 -28.97 6.37 6.02
C GLY A 114 -28.79 5.11 5.19
N LYS A 115 -29.44 4.02 5.59
CA LYS A 115 -29.27 2.76 4.88
C LYS A 115 -29.93 2.78 3.49
N ASP A 116 -30.89 3.69 3.28
CA ASP A 116 -31.58 3.77 2.00
C ASP A 116 -30.63 4.19 0.87
N THR A 117 -30.73 3.53 -0.28
CA THR A 117 -29.78 3.74 -1.38
C THR A 117 -30.36 4.43 -2.61
N ASN A 118 -31.40 5.24 -2.43
CA ASN A 118 -31.86 6.08 -3.52
C ASN A 118 -30.70 6.90 -4.07
N LEU A 119 -30.44 6.83 -5.38
CA LEU A 119 -29.25 7.48 -5.96
C LEU A 119 -29.24 9.00 -5.72
N ASN A 120 -30.35 9.64 -6.04
CA ASN A 120 -30.42 11.09 -5.86
C ASN A 120 -30.15 11.54 -4.41
N ASP A 121 -30.62 10.78 -3.44
CA ASP A 121 -30.33 11.09 -2.01
C ASP A 121 -28.85 10.92 -1.69
N VAL A 122 -28.25 9.86 -2.24
CA VAL A 122 -26.83 9.62 -2.09
C VAL A 122 -26.01 10.77 -2.70
N LEU A 123 -26.37 11.19 -3.91
CA LEU A 123 -25.68 12.29 -4.56
C LEU A 123 -25.85 13.60 -3.77
N TYR A 124 -27.02 13.78 -3.18
CA TYR A 124 -27.24 14.96 -2.33
C TYR A 124 -26.30 14.89 -1.12
N ALA A 125 -26.22 13.74 -0.46
CA ALA A 125 -25.33 13.60 0.70
C ALA A 125 -23.87 13.90 0.34
N ILE A 126 -23.41 13.40 -0.80
CA ILE A 126 -22.06 13.68 -1.33
C ILE A 126 -21.85 15.18 -1.52
N ASP A 127 -22.89 15.87 -1.97
CA ASP A 127 -22.80 17.29 -2.25
C ASP A 127 -22.84 18.13 -0.99
N ASN A 128 -23.40 17.57 0.09
CA ASN A 128 -23.62 18.31 1.33
C ASN A 128 -22.84 17.85 2.55
N GLN A 129 -21.84 16.99 2.37
CA GLN A 129 -21.00 16.59 3.48
C GLN A 129 -19.77 17.50 3.56
N HIS A 130 -19.10 17.49 4.70
CA HIS A 130 -17.93 18.34 4.89
C HIS A 130 -16.66 17.57 5.24
N PHE A 131 -16.67 16.26 5.00
CA PHE A 131 -15.46 15.46 5.19
C PHE A 131 -14.49 15.68 4.03
N ILE A 132 -15.03 15.69 2.82
CA ILE A 132 -14.23 15.68 1.61
C ILE A 132 -14.77 16.70 0.62
N GLU A 133 -13.88 17.35 -0.11
CA GLU A 133 -14.27 18.26 -1.17
C GLU A 133 -15.24 17.49 -2.04
N PRO A 134 -16.49 17.98 -2.15
CA PRO A 134 -17.55 17.28 -2.88
C PRO A 134 -17.16 16.91 -4.30
N LYS A 135 -16.38 17.75 -4.99
CA LYS A 135 -15.97 17.39 -6.35
C LYS A 135 -15.11 16.13 -6.33
N VAL A 136 -14.29 16.00 -5.30
CA VAL A 136 -13.40 14.85 -5.17
C VAL A 136 -14.19 13.61 -4.78
N LEU A 137 -15.12 13.74 -3.83
CA LEU A 137 -15.93 12.59 -3.42
C LEU A 137 -16.75 12.10 -4.59
N LYS A 138 -17.27 13.03 -5.37
CA LYS A 138 -18.14 12.70 -6.51
C LYS A 138 -17.38 11.91 -7.57
N CYS A 139 -16.16 12.35 -7.87
CA CYS A 139 -15.32 11.63 -8.82
C CYS A 139 -14.97 10.22 -8.34
N PHE A 140 -14.76 10.08 -7.04
CA PHE A 140 -14.51 8.77 -6.44
C PHE A 140 -15.74 7.86 -6.60
N PHE A 141 -16.90 8.41 -6.28
CA PHE A 141 -18.13 7.63 -6.27
C PHE A 141 -18.43 7.10 -7.65
N TRP A 142 -18.29 7.96 -8.67
CA TRP A 142 -18.56 7.49 -10.03
C TRP A 142 -17.46 6.59 -10.60
N ASP A 143 -16.21 6.81 -10.20
CA ASP A 143 -15.14 5.87 -10.54
C ASP A 143 -15.49 4.49 -10.00
N MET A 144 -15.92 4.45 -8.74
CA MET A 144 -16.33 3.21 -8.10
C MET A 144 -17.53 2.59 -8.83
N PHE A 145 -18.51 3.41 -9.21
CA PHE A 145 -19.65 2.92 -9.98
C PHE A 145 -19.24 2.22 -11.29
N VAL A 146 -18.26 2.78 -11.98
CA VAL A 146 -17.81 2.20 -13.25
C VAL A 146 -17.12 0.86 -13.02
N ALA A 147 -16.25 0.80 -12.01
CA ALA A 147 -15.68 -0.48 -11.62
C ALA A 147 -16.79 -1.49 -11.25
N ASP A 148 -17.74 -1.06 -10.42
CA ASP A 148 -18.83 -1.96 -10.01
C ASP A 148 -19.67 -2.43 -11.19
N THR A 149 -19.75 -1.58 -12.22
CA THR A 149 -20.46 -1.94 -13.44
C THR A 149 -19.71 -3.06 -14.15
N LEU A 150 -18.40 -2.89 -14.30
CA LEU A 150 -17.57 -3.91 -14.94
C LEU A 150 -17.63 -5.21 -14.16
N LEU A 151 -17.63 -5.09 -12.85
CA LEU A 151 -17.53 -6.22 -11.95
C LEU A 151 -18.87 -6.84 -11.56
N GLY A 152 -19.97 -6.16 -11.90
CA GLY A 152 -21.30 -6.67 -11.59
C GLY A 152 -21.66 -6.68 -10.12
N ASN A 153 -21.35 -5.59 -9.42
CA ASN A 153 -21.59 -5.50 -7.99
C ASN A 153 -23.08 -5.28 -7.67
N PHE A 154 -23.74 -6.26 -7.07
CA PHE A 154 -25.16 -6.10 -6.71
C PHE A 154 -25.38 -5.50 -5.32
N ASP A 155 -24.31 -5.09 -4.67
CA ASP A 155 -24.47 -4.66 -3.29
C ASP A 155 -23.45 -3.62 -2.81
N ARG A 156 -23.31 -2.53 -3.58
CA ARG A 156 -22.53 -1.40 -3.12
C ARG A 156 -23.42 -0.52 -2.23
N HIS A 157 -23.82 -1.05 -1.09
CA HIS A 157 -24.66 -0.29 -0.18
C HIS A 157 -23.85 0.75 0.61
N ASN A 158 -24.54 1.61 1.36
CA ASN A 158 -23.87 2.74 2.01
C ASN A 158 -22.88 2.34 3.11
N GLY A 159 -22.96 1.09 3.55
CA GLY A 159 -21.99 0.59 4.51
C GLY A 159 -20.74 0.05 3.84
N ASN A 160 -20.74 0.00 2.51
CA ASN A 160 -19.63 -0.59 1.76
C ASN A 160 -18.64 0.38 1.13
N TRP A 161 -18.64 1.62 1.64
CA TRP A 161 -17.62 2.58 1.27
C TRP A 161 -17.66 3.68 2.30
N GLY A 162 -16.62 4.51 2.33
CA GLY A 162 -16.59 5.60 3.28
C GLY A 162 -15.27 6.29 3.35
N PHE A 163 -14.93 6.69 4.58
CA PHE A 163 -13.88 7.67 4.81
C PHE A 163 -12.94 7.18 5.91
N LEU A 164 -11.71 7.67 5.90
CA LEU A 164 -10.83 7.45 7.03
C LEU A 164 -10.68 8.78 7.74
N ARG A 165 -10.72 8.76 9.06
CA ARG A 165 -10.61 9.97 9.86
C ARG A 165 -9.44 9.83 10.80
N ALA A 166 -8.57 10.84 10.78
CA ALA A 166 -7.46 10.93 11.71
C ALA A 166 -7.97 10.90 13.14
N SER A 167 -7.33 10.09 13.98
CA SER A 167 -7.73 9.89 15.36
C SER A 167 -7.53 11.14 16.23
N ASN A 168 -6.50 11.92 15.91
CA ASN A 168 -6.17 13.11 16.69
C ASN A 168 -6.49 14.41 15.97
N SER A 169 -6.91 14.31 14.71
CA SER A 169 -7.19 15.49 13.90
C SER A 169 -8.52 15.42 13.15
N LYS A 170 -8.97 16.56 12.67
CA LYS A 170 -10.21 16.65 11.91
C LYS A 170 -10.00 16.23 10.44
N GLU A 171 -8.83 15.67 10.12
CA GLU A 171 -8.52 15.32 8.75
C GLU A 171 -9.28 14.07 8.27
N TYR A 172 -10.03 14.21 7.19
CA TYR A 172 -10.69 13.06 6.56
C TYR A 172 -10.02 12.70 5.21
N GLN A 173 -9.98 11.40 4.91
CA GLN A 173 -9.64 10.94 3.56
C GLN A 173 -10.69 9.94 3.13
N ILE A 174 -10.77 9.66 1.83
CA ILE A 174 -11.65 8.60 1.34
C ILE A 174 -11.00 7.25 1.61
N ALA A 175 -11.75 6.30 2.16
CA ALA A 175 -11.18 4.97 2.39
C ALA A 175 -10.92 4.22 1.08
N PRO A 176 -9.91 3.33 1.07
CA PRO A 176 -9.69 2.46 -0.10
C PRO A 176 -10.98 1.71 -0.38
N ILE A 177 -11.20 1.31 -1.63
CA ILE A 177 -12.39 0.53 -1.92
C ILE A 177 -12.33 -0.79 -1.15
N PHE A 178 -13.45 -1.21 -0.58
CA PHE A 178 -13.51 -2.45 0.18
C PHE A 178 -14.83 -3.18 -0.04
N ASP A 179 -14.95 -4.38 0.52
CA ASP A 179 -16.19 -5.18 0.42
C ASP A 179 -16.68 -5.40 -1.02
N CYS A 180 -15.82 -6.00 -1.84
CA CYS A 180 -16.17 -6.30 -3.20
C CYS A 180 -16.65 -7.73 -3.32
N GLY A 181 -17.07 -8.32 -2.20
CA GLY A 181 -17.48 -9.72 -2.18
C GLY A 181 -18.76 -10.01 -2.94
N SER A 182 -19.56 -8.98 -3.19
CA SER A 182 -20.79 -9.18 -3.99
C SER A 182 -20.58 -8.82 -5.46
N CYS A 183 -19.35 -8.93 -5.92
CA CYS A 183 -19.04 -8.75 -7.33
C CYS A 183 -18.82 -10.12 -7.94
N LEU A 184 -18.94 -10.20 -9.27
CA LEU A 184 -18.46 -11.34 -10.01
C LEU A 184 -19.21 -12.65 -9.74
N TYR A 185 -20.53 -12.54 -9.56
CA TYR A 185 -21.41 -13.69 -9.41
C TYR A 185 -20.97 -14.67 -8.31
N PRO A 186 -20.95 -14.20 -7.05
CA PRO A 186 -20.44 -15.08 -5.97
C PRO A 186 -21.32 -16.32 -5.77
N GLN A 187 -22.59 -16.23 -6.13
CA GLN A 187 -23.52 -17.34 -5.92
C GLN A 187 -23.52 -18.36 -7.05
N ALA A 188 -22.75 -18.10 -8.10
CA ALA A 188 -22.73 -18.98 -9.26
C ALA A 188 -21.90 -20.26 -9.02
N ASP A 189 -22.57 -21.35 -8.64
CA ASP A 189 -21.89 -22.64 -8.49
C ASP A 189 -21.46 -23.19 -9.86
N ASP A 190 -20.82 -24.36 -9.86
CA ASP A 190 -20.31 -24.92 -11.11
C ASP A 190 -21.40 -25.23 -12.11
N VAL A 191 -22.58 -25.56 -11.59
CA VAL A 191 -23.69 -25.87 -12.47
C VAL A 191 -24.15 -24.58 -13.15
N VAL A 192 -24.28 -23.52 -12.38
CA VAL A 192 -24.58 -22.22 -13.00
C VAL A 192 -23.50 -21.80 -14.01
N CYS A 193 -22.23 -21.95 -13.64
CA CYS A 193 -21.14 -21.58 -14.54
C CYS A 193 -21.27 -22.31 -15.88
N GLN A 194 -21.37 -23.63 -15.84
CA GLN A 194 -21.46 -24.35 -17.10
C GLN A 194 -22.73 -24.02 -17.88
N LYS A 195 -23.84 -23.89 -17.16
CA LYS A 195 -25.10 -23.51 -17.79
C LYS A 195 -24.94 -22.21 -18.57
N VAL A 196 -24.27 -21.24 -17.97
CA VAL A 196 -24.15 -19.93 -18.58
C VAL A 196 -23.26 -19.99 -19.80
N LEU A 197 -22.17 -20.74 -19.70
CA LEU A 197 -21.24 -20.90 -20.81
C LEU A 197 -21.84 -21.68 -21.97
N SER A 198 -22.80 -22.55 -21.68
CA SER A 198 -23.34 -23.39 -22.74
C SER A 198 -24.75 -22.93 -23.13
N ASN A 199 -25.09 -21.70 -22.76
CA ASN A 199 -26.44 -21.19 -23.01
C ASN A 199 -26.46 -19.66 -23.04
N ILE A 200 -26.46 -19.09 -24.25
CA ILE A 200 -26.36 -17.64 -24.44
C ILE A 200 -27.46 -16.86 -23.71
N ASP A 201 -28.60 -17.52 -23.52
CA ASP A 201 -29.72 -16.93 -22.80
C ASP A 201 -29.40 -16.72 -21.34
N GLU A 202 -28.80 -17.73 -20.72
CA GLU A 202 -28.44 -17.64 -19.32
C GLU A 202 -27.33 -16.60 -19.17
N LEU A 203 -26.52 -16.48 -20.21
CA LEU A 203 -25.42 -15.53 -20.25
C LEU A 203 -25.93 -14.10 -20.37
N ASN A 204 -26.70 -13.83 -21.43
CA ASN A 204 -27.23 -12.49 -21.64
C ASN A 204 -28.10 -12.00 -20.49
N ALA A 205 -28.83 -12.90 -19.85
CA ALA A 205 -29.61 -12.54 -18.67
C ALA A 205 -28.69 -11.94 -17.59
N ARG A 206 -27.51 -12.53 -17.42
CA ARG A 206 -26.57 -12.09 -16.39
C ARG A 206 -25.70 -10.92 -16.87
N ILE A 207 -26.09 -10.31 -17.99
CA ILE A 207 -25.49 -9.04 -18.40
C ILE A 207 -26.54 -7.95 -18.34
N TYR A 208 -27.64 -8.17 -19.05
CA TYR A 208 -28.67 -7.16 -19.25
C TYR A 208 -29.72 -7.10 -18.14
N ASN A 209 -30.03 -8.22 -17.50
CA ASN A 209 -31.09 -8.24 -16.48
C ASN A 209 -30.61 -8.14 -15.02
N PHE A 210 -29.55 -8.87 -14.70
CA PHE A 210 -29.00 -8.85 -13.35
C PHE A 210 -27.55 -9.32 -13.45
N PRO A 211 -26.70 -8.99 -12.46
CA PRO A 211 -26.91 -8.19 -11.26
C PRO A 211 -27.32 -6.77 -11.63
N GLN A 212 -28.14 -6.16 -10.78
CA GLN A 212 -28.43 -4.74 -10.91
C GLN A 212 -27.75 -4.01 -9.77
N SER A 213 -27.62 -2.69 -9.89
CA SER A 213 -27.06 -1.92 -8.80
C SER A 213 -28.04 -1.91 -7.64
N ILE A 214 -27.50 -1.81 -6.42
CA ILE A 214 -28.32 -1.66 -5.23
C ILE A 214 -28.85 -0.22 -5.13
N LEU A 215 -28.22 0.71 -5.85
CA LEU A 215 -28.72 2.09 -5.89
C LEU A 215 -30.07 2.15 -6.63
N LYS A 216 -30.94 3.06 -6.22
CA LYS A 216 -32.32 3.06 -6.69
C LYS A 216 -32.71 4.36 -7.41
N ASP A 217 -33.53 4.25 -8.46
CA ASP A 217 -34.06 5.44 -9.12
C ASP A 217 -35.20 6.02 -8.29
N ASP A 218 -35.78 7.13 -8.74
CA ASP A 218 -36.84 7.78 -7.97
C ASP A 218 -38.20 7.06 -8.03
N ASN A 219 -38.26 5.96 -8.75
CA ASN A 219 -39.42 5.07 -8.71
C ASN A 219 -39.16 3.94 -7.75
N ASP A 220 -38.06 4.06 -7.01
CA ASP A 220 -37.66 3.11 -5.98
C ASP A 220 -37.27 1.75 -6.56
N LYS A 221 -36.79 1.76 -7.80
CA LYS A 221 -36.37 0.56 -8.47
C LYS A 221 -34.86 0.53 -8.56
N LYS A 222 -34.29 -0.67 -8.43
CA LYS A 222 -32.86 -0.85 -8.61
C LYS A 222 -32.40 -0.40 -9.98
N ILE A 223 -31.24 0.23 -10.02
CA ILE A 223 -30.67 0.74 -11.25
C ILE A 223 -30.04 -0.38 -12.06
N ASN A 224 -30.48 -0.50 -13.32
CA ASN A 224 -29.97 -1.48 -14.25
C ASN A 224 -28.69 -0.95 -14.87
N TYR A 225 -27.63 -1.74 -14.79
CA TYR A 225 -26.30 -1.28 -15.20
C TYR A 225 -26.28 -0.92 -16.69
N TYR A 226 -26.74 -1.84 -17.52
CA TYR A 226 -26.75 -1.56 -18.96
C TYR A 226 -27.61 -0.34 -19.28
N ASP A 227 -28.86 -0.33 -18.82
CA ASP A 227 -29.75 0.79 -19.13
C ASP A 227 -29.20 2.13 -18.69
N PHE A 228 -28.72 2.18 -17.45
CA PHE A 228 -28.25 3.42 -16.88
C PHE A 228 -26.98 3.92 -17.55
N LEU A 229 -26.01 3.04 -17.73
CA LEU A 229 -24.71 3.50 -18.20
C LEU A 229 -24.79 3.91 -19.67
N THR A 230 -25.70 3.28 -20.42
CA THR A 230 -25.84 3.64 -21.83
C THR A 230 -26.83 4.77 -22.06
N GLN A 231 -27.57 5.17 -21.03
CA GLN A 231 -28.62 6.16 -21.22
C GLN A 231 -28.47 7.40 -20.36
N THR A 232 -27.59 7.34 -19.36
CA THR A 232 -27.47 8.45 -18.43
C THR A 232 -27.01 9.73 -19.11
N ASN A 233 -27.60 10.84 -18.67
CA ASN A 233 -27.10 12.17 -19.02
C ASN A 233 -26.39 12.79 -17.84
N ASN A 234 -26.03 11.97 -16.86
CA ASN A 234 -25.22 12.48 -15.75
C ASN A 234 -23.77 12.66 -16.18
N LYS A 235 -23.30 13.90 -16.24
CA LYS A 235 -21.95 14.20 -16.73
C LYS A 235 -20.83 13.61 -15.86
N ASP A 236 -21.08 13.55 -14.57
CA ASP A 236 -20.11 13.01 -13.63
C ASP A 236 -19.87 11.52 -13.87
N CYS A 237 -20.96 10.78 -14.09
CA CYS A 237 -20.83 9.37 -14.45
C CYS A 237 -20.07 9.19 -15.76
N LEU A 238 -20.44 9.98 -16.77
CA LEU A 238 -19.84 9.80 -18.09
C LEU A 238 -18.35 10.14 -18.06
N ASP A 239 -18.00 11.20 -17.32
CA ASP A 239 -16.59 11.56 -17.15
C ASP A 239 -15.82 10.41 -16.48
N ALA A 240 -16.44 9.81 -15.46
CA ALA A 240 -15.79 8.68 -14.76
C ALA A 240 -15.52 7.56 -15.76
N LEU A 241 -16.50 7.31 -16.62
CA LEU A 241 -16.38 6.28 -17.64
C LEU A 241 -15.20 6.59 -18.56
N LEU A 242 -15.14 7.83 -19.04
CA LEU A 242 -14.03 8.25 -19.89
C LEU A 242 -12.66 8.11 -19.18
N ARG A 243 -12.60 8.41 -17.89
CA ARG A 243 -11.38 8.28 -17.09
C ARG A 243 -10.92 6.84 -16.98
N ILE A 244 -11.86 5.97 -16.63
CA ILE A 244 -11.51 4.60 -16.31
C ILE A 244 -11.32 3.71 -17.53
N TYR A 245 -12.05 3.99 -18.60
CA TYR A 245 -11.93 3.14 -19.79
C TYR A 245 -10.48 2.83 -20.18
N PRO A 246 -9.65 3.86 -20.42
CA PRO A 246 -8.29 3.58 -20.90
C PRO A 246 -7.47 2.73 -19.92
N ARG A 247 -7.89 2.68 -18.65
CA ARG A 247 -7.18 1.88 -17.66
C ARG A 247 -7.62 0.42 -17.57
N ILE A 248 -8.68 0.08 -18.30
CA ILE A 248 -9.11 -1.30 -18.38
C ILE A 248 -8.15 -2.07 -19.28
N ASP A 249 -7.41 -2.98 -18.67
CA ASP A 249 -6.44 -3.78 -19.39
C ASP A 249 -6.86 -5.25 -19.32
N MET A 250 -7.53 -5.72 -20.37
CA MET A 250 -8.14 -7.05 -20.32
C MET A 250 -7.13 -8.19 -20.23
N ASN A 251 -5.96 -8.03 -20.84
CA ASN A 251 -4.93 -9.05 -20.69
C ASN A 251 -4.56 -9.19 -19.22
N LYS A 252 -4.32 -8.05 -18.58
CA LYS A 252 -3.99 -8.02 -17.15
C LYS A 252 -5.13 -8.64 -16.34
N ILE A 253 -6.36 -8.30 -16.70
CA ILE A 253 -7.52 -8.82 -16.02
C ILE A 253 -7.64 -10.35 -16.18
N HIS A 254 -7.47 -10.87 -17.38
CA HIS A 254 -7.52 -12.32 -17.57
C HIS A 254 -6.37 -13.04 -16.84
N SER A 255 -5.22 -12.38 -16.78
CA SER A 255 -4.08 -12.93 -16.05
C SER A 255 -4.38 -13.06 -14.56
N ILE A 256 -5.04 -12.05 -14.00
CA ILE A 256 -5.49 -12.09 -12.63
C ILE A 256 -6.35 -13.32 -12.42
N ILE A 257 -7.27 -13.54 -13.35
CA ILE A 257 -8.14 -14.72 -13.24
C ILE A 257 -7.33 -16.02 -13.32
N ASP A 258 -6.48 -16.14 -14.33
CA ASP A 258 -5.67 -17.33 -14.53
C ASP A 258 -4.77 -17.65 -13.34
N ASN A 259 -4.31 -16.59 -12.67
CA ASN A 259 -3.35 -16.69 -11.57
C ASN A 259 -3.96 -16.68 -10.17
N THR A 260 -5.25 -16.87 -10.07
CA THR A 260 -5.90 -16.93 -8.80
C THR A 260 -5.77 -18.33 -8.27
N PRO A 261 -5.22 -18.46 -7.08
CA PRO A 261 -5.06 -19.78 -6.49
C PRO A 261 -6.33 -20.45 -6.15
N PHE A 262 -6.38 -21.74 -6.39
CA PHE A 262 -7.31 -22.71 -5.90
C PHE A 262 -8.55 -22.74 -6.76
N MET A 263 -8.70 -21.77 -7.64
CA MET A 263 -9.91 -21.63 -8.40
C MET A 263 -9.99 -22.71 -9.42
N SER A 264 -11.16 -23.31 -9.57
CA SER A 264 -11.35 -24.38 -10.56
C SER A 264 -11.32 -23.86 -12.00
N GLU A 265 -11.03 -24.75 -12.95
CA GLU A 265 -11.00 -24.38 -14.37
C GLU A 265 -12.34 -23.89 -14.88
N ILE A 266 -13.42 -24.48 -14.41
CA ILE A 266 -14.75 -24.09 -14.88
C ILE A 266 -15.11 -22.68 -14.35
N HIS A 267 -14.63 -22.37 -13.16
CA HIS A 267 -14.88 -21.08 -12.54
C HIS A 267 -14.07 -20.02 -13.29
N LYS A 268 -12.82 -20.36 -13.63
CA LYS A 268 -11.98 -19.45 -14.43
C LYS A 268 -12.61 -19.17 -15.80
N GLU A 269 -12.99 -20.24 -16.50
CA GLU A 269 -13.63 -20.07 -17.80
C GLU A 269 -14.84 -19.12 -17.73
N PHE A 270 -15.68 -19.32 -16.72
CA PHE A 270 -16.85 -18.49 -16.50
C PHE A 270 -16.48 -17.00 -16.26
N LEU A 271 -15.48 -16.74 -15.42
CA LEU A 271 -15.07 -15.36 -15.16
C LEU A 271 -14.43 -14.72 -16.37
N HIS A 272 -13.61 -15.48 -17.10
CA HIS A 272 -13.02 -14.98 -18.34
C HIS A 272 -14.12 -14.51 -19.30
N THR A 273 -15.13 -15.35 -19.48
CA THR A 273 -16.22 -15.04 -20.39
C THR A 273 -17.06 -13.87 -19.89
N MET A 274 -17.38 -13.85 -18.59
CA MET A 274 -18.26 -12.81 -18.08
C MET A 274 -17.60 -11.44 -18.10
N LEU A 275 -16.31 -11.41 -17.79
CA LEU A 275 -15.60 -10.15 -17.88
C LEU A 275 -15.54 -9.60 -19.31
N ASP A 276 -15.23 -10.47 -20.27
CA ASP A 276 -15.24 -10.09 -21.70
C ASP A 276 -16.61 -9.57 -22.11
N GLU A 277 -17.65 -10.25 -21.67
CA GLU A 277 -19.00 -9.87 -22.07
C GLU A 277 -19.53 -8.62 -21.38
N ARG A 278 -19.23 -8.46 -20.10
CA ARG A 278 -19.55 -7.20 -19.43
C ARG A 278 -18.78 -6.04 -20.07
N LYS A 279 -17.51 -6.26 -20.39
CA LYS A 279 -16.72 -5.25 -21.08
C LYS A 279 -17.32 -4.89 -22.46
N SER A 280 -17.56 -5.89 -23.30
CA SER A 280 -18.06 -5.56 -24.63
C SER A 280 -19.51 -5.09 -24.64
N LYS A 281 -20.37 -5.75 -23.87
CA LYS A 281 -21.80 -5.46 -23.94
C LYS A 281 -22.27 -4.22 -23.16
N ILE A 282 -21.57 -3.88 -22.09
CA ILE A 282 -21.94 -2.73 -21.29
C ILE A 282 -20.94 -1.59 -21.42
N ILE A 283 -19.71 -1.84 -20.99
CA ILE A 283 -18.72 -0.76 -20.90
C ILE A 283 -18.42 -0.16 -22.29
N ASP A 284 -18.11 -1.02 -23.27
CA ASP A 284 -17.72 -0.53 -24.59
C ASP A 284 -18.86 0.26 -25.23
N VAL A 285 -20.05 -0.30 -25.16
CA VAL A 285 -21.23 0.36 -25.70
C VAL A 285 -21.41 1.73 -25.06
N ALA A 286 -21.39 1.79 -23.73
CA ALA A 286 -21.55 3.08 -23.04
C ALA A 286 -20.42 4.05 -23.37
N HIS A 287 -19.22 3.52 -23.53
CA HIS A 287 -18.06 4.38 -23.73
C HIS A 287 -18.07 5.02 -25.13
N THR A 288 -18.49 4.25 -26.13
CA THR A 288 -18.66 4.78 -27.48
C THR A 288 -19.58 5.98 -27.43
N ARG A 289 -20.69 5.84 -26.71
CA ARG A 289 -21.62 6.96 -26.61
C ARG A 289 -20.99 8.13 -25.87
N ALA A 290 -20.30 7.83 -24.77
CA ALA A 290 -19.63 8.91 -24.03
C ALA A 290 -18.67 9.68 -24.94
N ILE A 291 -17.85 8.97 -25.68
CA ILE A 291 -16.96 9.56 -26.67
C ILE A 291 -17.72 10.47 -27.66
N GLU A 292 -18.86 10.01 -28.16
CA GLU A 292 -19.64 10.78 -29.14
C GLU A 292 -20.25 12.03 -28.52
N LEU A 293 -20.62 11.95 -27.25
CA LEU A 293 -21.22 13.09 -26.58
C LEU A 293 -20.18 14.12 -26.20
N SER A 294 -18.98 13.65 -25.85
CA SER A 294 -17.90 14.53 -25.43
C SER A 294 -17.43 15.40 -26.60
N LEU A 295 -17.61 14.89 -27.81
CA LEU A 295 -17.24 15.62 -29.03
C LEU A 295 -18.36 16.54 -29.50
N PRO B 2 3.27 -18.55 8.44
CA PRO B 2 2.85 -18.23 7.07
C PRO B 2 4.04 -17.81 6.19
N THR B 3 4.94 -18.74 5.90
CA THR B 3 6.12 -18.45 5.08
C THR B 3 5.78 -18.51 3.59
N ILE B 4 6.51 -17.76 2.77
CA ILE B 4 6.25 -17.74 1.34
C ILE B 4 7.43 -18.27 0.53
N ASP B 5 7.19 -19.36 -0.18
CA ASP B 5 8.18 -19.88 -1.12
C ASP B 5 8.02 -19.21 -2.48
N PHE B 6 9.02 -18.44 -2.89
CA PHE B 6 8.95 -17.72 -4.15
C PHE B 6 9.52 -18.52 -5.31
N THR B 7 10.13 -19.66 -4.99
CA THR B 7 10.81 -20.48 -5.98
C THR B 7 9.97 -20.65 -7.25
N PHE B 8 8.67 -20.80 -7.09
CA PHE B 8 7.80 -21.17 -8.21
C PHE B 8 7.17 -19.98 -8.93
N CYS B 9 7.28 -18.79 -8.34
CA CYS B 9 6.69 -17.59 -8.93
C CYS B 9 7.21 -17.32 -10.34
N GLU B 10 6.35 -16.73 -11.16
CA GLU B 10 6.67 -16.41 -12.54
C GLU B 10 7.67 -15.26 -12.63
N ILE B 11 8.81 -15.51 -13.24
CA ILE B 11 9.87 -14.50 -13.37
C ILE B 11 9.52 -13.45 -14.42
N ASN B 12 9.82 -12.18 -14.12
CA ASN B 12 9.59 -11.10 -15.06
C ASN B 12 10.79 -10.84 -15.97
N PRO B 13 10.57 -10.94 -17.29
CA PRO B 13 11.60 -10.68 -18.31
C PRO B 13 12.30 -9.34 -18.08
N ASN B 23 22.47 -9.51 -5.38
CA ASN B 23 21.79 -10.23 -6.45
C ASN B 23 20.27 -10.12 -6.34
N LYS B 24 19.62 -9.91 -7.48
CA LYS B 24 18.17 -9.69 -7.51
C LYS B 24 17.48 -10.36 -8.72
N ILE B 25 16.26 -10.87 -8.49
CA ILE B 25 15.44 -11.41 -9.56
C ILE B 25 14.03 -10.82 -9.50
N SER B 26 13.46 -10.51 -10.66
CA SER B 26 12.16 -9.86 -10.73
C SER B 26 11.09 -10.92 -10.99
N LEU B 27 10.07 -10.97 -10.13
CA LEU B 27 9.00 -11.95 -10.31
C LEU B 27 7.61 -11.44 -9.92
N PHE B 28 6.58 -12.16 -10.38
CA PHE B 28 5.21 -11.81 -10.03
C PHE B 28 4.75 -12.60 -8.82
N TYR B 29 4.17 -11.89 -7.86
CA TYR B 29 3.55 -12.53 -6.71
C TYR B 29 2.27 -11.78 -6.35
N ASN B 30 1.20 -12.53 -6.15
CA ASN B 30 -0.10 -11.90 -5.88
C ASN B 30 -0.44 -10.88 -6.97
N ASN B 31 -0.12 -11.21 -8.22
CA ASN B 31 -0.48 -10.34 -9.34
C ASN B 31 0.35 -9.08 -9.45
N GLU B 32 1.39 -8.96 -8.64
CA GLU B 32 2.22 -7.76 -8.68
C GLU B 32 3.70 -8.09 -8.73
N LEU B 33 4.49 -7.15 -9.25
CA LEU B 33 5.91 -7.35 -9.46
C LEU B 33 6.68 -7.10 -8.16
N TYR B 34 7.51 -8.06 -7.77
CA TYR B 34 8.41 -7.89 -6.63
C TYR B 34 9.84 -8.12 -7.09
N MET B 35 10.76 -7.26 -6.62
CA MET B 35 12.18 -7.50 -6.77
C MET B 35 12.62 -8.37 -5.60
N VAL B 36 13.23 -9.51 -5.89
CA VAL B 36 13.70 -10.41 -4.83
C VAL B 36 15.21 -10.28 -4.64
N LYS B 37 15.62 -10.08 -3.38
CA LYS B 37 17.02 -9.86 -3.06
C LYS B 37 17.61 -11.06 -2.31
N PHE B 38 18.75 -11.56 -2.78
CA PHE B 38 19.43 -12.69 -2.15
C PHE B 38 20.57 -12.24 -1.25
N PRO B 39 20.87 -13.03 -0.20
CA PRO B 39 21.99 -12.73 0.70
C PRO B 39 23.32 -12.79 -0.05
N PRO B 40 24.33 -12.05 0.42
CA PRO B 40 25.65 -12.06 -0.22
C PRO B 40 26.32 -13.44 -0.15
N THR B 51 25.49 -10.17 5.20
CA THR B 51 25.17 -11.54 5.62
C THR B 51 23.70 -11.63 6.03
N ASN B 52 23.29 -10.71 6.90
CA ASN B 52 21.89 -10.63 7.32
C ASN B 52 21.22 -9.43 6.64
N GLY B 53 21.70 -9.11 5.45
CA GLY B 53 21.19 -8.01 4.67
C GLY B 53 19.70 -8.14 4.36
N CYS B 54 19.26 -9.37 4.11
CA CYS B 54 17.84 -9.61 3.84
C CYS B 54 17.01 -9.31 5.08
N PHE B 55 17.48 -9.76 6.23
CA PHE B 55 16.80 -9.49 7.48
C PHE B 55 16.79 -7.99 7.76
N SER B 56 17.93 -7.34 7.51
CA SER B 56 18.04 -5.91 7.78
C SER B 56 17.02 -5.15 6.98
N GLU B 57 16.98 -5.42 5.67
CA GLU B 57 16.05 -4.74 4.78
C GLU B 57 14.61 -4.91 5.27
N TYR B 58 14.23 -6.15 5.54
CA TYR B 58 12.88 -6.47 6.00
C TYR B 58 12.54 -5.78 7.32
N VAL B 59 13.30 -6.11 8.36
CA VAL B 59 13.05 -5.53 9.68
C VAL B 59 13.08 -3.99 9.65
N ALA B 60 14.10 -3.42 9.02
CA ALA B 60 14.17 -1.96 8.96
C ALA B 60 12.93 -1.37 8.27
N CYS B 61 12.51 -1.97 7.17
CA CYS B 61 11.39 -1.40 6.44
C CYS B 61 10.12 -1.49 7.28
N HIS B 62 9.93 -2.59 7.96
CA HIS B 62 8.78 -2.71 8.85
C HIS B 62 8.83 -1.71 10.02
N ILE B 63 10.01 -1.45 10.54
CA ILE B 63 10.14 -0.39 11.55
C ILE B 63 9.78 0.96 10.97
N VAL B 64 10.27 1.25 9.77
CA VAL B 64 9.94 2.52 9.13
C VAL B 64 8.42 2.66 8.97
N ASN B 65 7.77 1.57 8.59
CA ASN B 65 6.30 1.56 8.51
C ASN B 65 5.69 1.95 9.86
N SER B 66 6.21 1.34 10.94
CA SER B 66 5.71 1.61 12.29
C SER B 66 5.90 3.07 12.71
N LEU B 67 6.82 3.76 12.04
CA LEU B 67 7.06 5.17 12.29
C LEU B 67 6.05 6.04 11.54
N GLY B 68 5.16 5.40 10.77
CA GLY B 68 4.20 6.16 10.00
C GLY B 68 4.80 6.84 8.77
N LEU B 69 5.91 6.30 8.26
CA LEU B 69 6.50 6.84 7.04
C LEU B 69 6.23 5.89 5.87
N LYS B 70 5.99 6.47 4.70
CA LYS B 70 5.73 5.69 3.50
C LYS B 70 6.97 4.87 3.13
N VAL B 71 6.79 3.57 2.95
CA VAL B 71 7.91 2.68 2.72
C VAL B 71 7.46 1.59 1.76
N GLN B 72 8.42 1.00 1.06
CA GLN B 72 8.15 -0.12 0.18
C GLN B 72 7.66 -1.31 0.97
N GLU B 73 6.84 -2.12 0.33
CA GLU B 73 6.36 -3.35 0.94
C GLU B 73 7.44 -4.42 0.91
N THR B 74 7.63 -5.10 2.03
CA THR B 74 8.63 -6.15 2.09
C THR B 74 8.09 -7.45 2.67
N LEU B 75 8.62 -8.56 2.18
CA LEU B 75 8.25 -9.88 2.67
C LEU B 75 9.53 -10.68 2.83
N LEU B 76 9.55 -11.53 3.86
CA LEU B 76 10.64 -12.48 4.03
C LEU B 76 10.17 -13.87 3.61
N GLY B 77 10.87 -14.47 2.64
CA GLY B 77 10.51 -15.81 2.18
C GLY B 77 11.75 -16.60 1.81
N THR B 78 11.58 -17.63 1.00
CA THR B 78 12.70 -18.45 0.54
C THR B 78 12.73 -18.58 -0.96
N TYR B 79 13.92 -18.64 -1.53
CA TYR B 79 14.10 -18.92 -2.94
C TYR B 79 15.15 -20.04 -3.13
N LYS B 80 14.59 -21.21 -3.27
CA LYS B 80 15.19 -22.48 -3.52
C LYS B 80 15.96 -23.00 -2.33
N ASN B 81 17.01 -22.37 -1.87
CA ASN B 81 17.49 -22.75 -0.57
C ASN B 81 17.66 -21.67 0.46
N LYS B 82 17.48 -20.45 0.00
CA LYS B 82 17.96 -19.29 0.68
C LYS B 82 16.88 -18.35 1.11
N ILE B 83 17.02 -17.81 2.32
CA ILE B 83 16.11 -16.80 2.77
C ILE B 83 16.28 -15.56 1.90
N VAL B 84 15.20 -14.93 1.51
CA VAL B 84 15.30 -13.77 0.67
C VAL B 84 14.31 -12.74 1.12
N VAL B 85 14.55 -11.49 0.78
CA VAL B 85 13.56 -10.45 1.02
C VAL B 85 12.97 -10.01 -0.33
N ALA B 86 11.65 -9.97 -0.40
CA ALA B 86 10.98 -9.55 -1.63
C ALA B 86 10.43 -8.16 -1.45
N CYS B 87 10.76 -7.28 -2.38
CA CYS B 87 10.38 -5.87 -2.29
C CYS B 87 9.40 -5.48 -3.40
N LYS B 88 8.20 -5.08 -3.02
CA LYS B 88 7.17 -4.78 -4.02
C LYS B 88 7.54 -3.55 -4.83
N ASP B 89 7.52 -3.72 -6.15
CA ASP B 89 7.76 -2.62 -7.08
C ASP B 89 6.66 -1.59 -6.89
N PHE B 90 7.05 -0.35 -6.71
CA PHE B 90 6.09 0.69 -6.58
C PHE B 90 6.00 1.52 -7.83
N THR B 91 6.86 1.21 -8.78
CA THR B 91 6.99 1.97 -9.99
C THR B 91 5.95 1.48 -10.92
N THR B 92 5.04 0.67 -10.45
CA THR B 92 4.15 -0.05 -11.34
C THR B 92 3.14 0.74 -12.14
N HIS B 93 2.98 1.98 -11.79
CA HIS B 93 1.93 2.80 -12.27
C HIS B 93 2.30 3.42 -13.56
N GLN B 94 1.59 4.48 -13.86
CA GLN B 94 2.07 5.31 -14.87
C GLN B 94 3.09 6.09 -14.01
N TYR B 95 4.03 5.34 -13.40
CA TYR B 95 5.10 5.87 -12.56
C TYR B 95 6.48 5.32 -12.78
N GLU B 96 7.48 6.18 -12.86
CA GLU B 96 8.86 5.78 -13.04
C GLU B 96 9.67 6.23 -11.83
N LEU B 97 10.54 5.38 -11.32
CA LEU B 97 11.43 5.77 -10.23
C LEU B 97 12.54 6.66 -10.76
N VAL B 98 12.61 7.88 -10.24
CA VAL B 98 13.72 8.78 -10.51
C VAL B 98 14.45 9.03 -9.20
N ASP B 99 15.67 8.53 -9.07
CA ASP B 99 16.40 8.71 -7.81
C ASP B 99 16.91 10.13 -7.61
N PHE B 100 17.15 10.50 -6.36
CA PHE B 100 17.63 11.83 -6.06
C PHE B 100 18.90 12.18 -6.83
N LEU B 101 19.76 11.18 -6.98
CA LEU B 101 20.99 11.30 -7.72
C LEU B 101 20.76 11.92 -9.10
N SER B 102 19.81 11.36 -9.85
CA SER B 102 19.56 11.84 -11.19
C SER B 102 19.28 13.33 -11.17
N LEU B 103 18.49 13.73 -10.19
CA LEU B 103 18.14 15.13 -10.02
C LEU B 103 19.40 15.91 -9.66
N LYS B 104 20.25 15.33 -8.83
CA LYS B 104 21.43 16.05 -8.34
C LYS B 104 22.45 16.30 -9.45
N ASN B 105 22.66 15.31 -10.31
CA ASN B 105 23.58 15.47 -11.43
C ASN B 105 23.25 16.62 -12.39
N THR B 106 22.07 17.20 -12.27
CA THR B 106 21.66 18.30 -13.16
C THR B 106 21.82 19.66 -12.49
N MET B 107 22.26 19.65 -11.24
CA MET B 107 22.50 20.91 -10.54
C MET B 107 23.86 21.44 -10.97
N ILE B 108 23.90 22.08 -12.13
CA ILE B 108 25.17 22.51 -12.73
C ILE B 108 26.04 23.26 -11.72
N GLU B 109 25.38 24.01 -10.82
CA GLU B 109 26.07 24.78 -9.78
C GLU B 109 26.94 23.93 -8.86
N LEU B 110 26.68 22.62 -8.80
CA LEU B 110 27.44 21.74 -7.93
C LEU B 110 28.63 21.16 -8.66
N GLU B 111 29.83 21.41 -8.15
CA GLU B 111 31.05 20.92 -8.79
C GLU B 111 31.25 19.44 -8.56
N LYS B 112 30.93 18.99 -7.36
CA LYS B 112 30.98 17.57 -7.08
C LYS B 112 29.88 16.88 -7.87
N SER B 113 30.09 15.61 -8.20
CA SER B 113 29.15 14.88 -9.03
C SER B 113 27.93 14.41 -8.24
N GLY B 114 26.97 13.84 -8.96
CA GLY B 114 25.72 13.43 -8.37
C GLY B 114 25.88 12.47 -7.22
N LYS B 115 26.84 11.55 -7.33
CA LYS B 115 27.01 10.52 -6.30
C LYS B 115 27.58 11.04 -4.98
N ASP B 116 28.24 12.18 -5.02
CA ASP B 116 28.85 12.72 -3.81
C ASP B 116 27.77 13.08 -2.77
N THR B 117 27.99 12.67 -1.53
CA THR B 117 26.98 12.88 -0.47
C THR B 117 27.30 13.97 0.57
N ASN B 118 28.02 15.01 0.15
CA ASN B 118 28.17 16.21 0.98
C ASN B 118 26.78 16.72 1.36
N LEU B 119 26.52 16.81 2.67
CA LEU B 119 25.19 17.19 3.16
C LEU B 119 24.72 18.54 2.66
N ASN B 120 25.59 19.55 2.78
CA ASN B 120 25.27 20.88 2.30
C ASN B 120 24.87 20.91 0.83
N ASP B 121 25.57 20.12 0.03
CA ASP B 121 25.25 19.98 -1.39
C ASP B 121 23.90 19.31 -1.59
N VAL B 122 23.67 18.24 -0.84
CA VAL B 122 22.39 17.55 -0.85
C VAL B 122 21.23 18.50 -0.51
N LEU B 123 21.41 19.33 0.52
CA LEU B 123 20.39 20.30 0.94
C LEU B 123 20.18 21.39 -0.10
N TYR B 124 21.26 21.86 -0.71
CA TYR B 124 21.15 22.79 -1.82
C TYR B 124 20.28 22.22 -2.94
N ALA B 125 20.56 20.98 -3.34
CA ALA B 125 19.79 20.33 -4.41
C ALA B 125 18.31 20.27 -4.02
N ILE B 126 18.05 19.84 -2.79
CA ILE B 126 16.69 19.76 -2.30
C ILE B 126 15.96 21.11 -2.46
N ASP B 127 16.67 22.21 -2.21
CA ASP B 127 16.04 23.53 -2.27
C ASP B 127 15.87 24.01 -3.69
N ASN B 128 16.64 23.44 -4.60
CA ASN B 128 16.70 23.97 -5.97
C ASN B 128 16.08 23.09 -7.05
N GLN B 129 15.59 21.92 -6.66
CA GLN B 129 14.95 21.00 -7.59
C GLN B 129 13.50 21.40 -7.84
N HIS B 130 12.95 20.91 -8.95
CA HIS B 130 11.62 21.34 -9.38
C HIS B 130 10.61 20.19 -9.40
N PHE B 131 10.96 19.08 -8.78
CA PHE B 131 10.05 17.95 -8.68
C PHE B 131 9.01 18.12 -7.58
N ILE B 132 9.46 18.57 -6.41
CA ILE B 132 8.61 18.60 -5.24
C ILE B 132 8.74 19.95 -4.56
N GLU B 133 7.68 20.42 -3.91
CA GLU B 133 7.78 21.61 -3.08
C GLU B 133 8.94 21.39 -2.11
N PRO B 134 9.96 22.26 -2.16
CA PRO B 134 11.19 22.09 -1.38
C PRO B 134 10.92 21.84 0.09
N LYS B 135 9.98 22.60 0.66
CA LYS B 135 9.56 22.44 2.04
C LYS B 135 9.13 21.01 2.32
N VAL B 136 8.30 20.47 1.44
CA VAL B 136 7.82 19.10 1.58
C VAL B 136 9.00 18.13 1.48
N LEU B 137 9.88 18.37 0.52
CA LEU B 137 11.00 17.47 0.29
C LEU B 137 11.94 17.52 1.49
N LYS B 138 12.11 18.72 2.04
CA LYS B 138 12.98 18.90 3.19
C LYS B 138 12.46 18.13 4.41
N CYS B 139 11.16 18.21 4.68
CA CYS B 139 10.54 17.46 5.79
C CYS B 139 10.80 15.97 5.64
N PHE B 140 10.57 15.46 4.44
CA PHE B 140 10.80 14.04 4.17
C PHE B 140 12.26 13.68 4.40
N PHE B 141 13.17 14.46 3.83
CA PHE B 141 14.60 14.14 3.94
C PHE B 141 15.00 13.97 5.41
N TRP B 142 14.55 14.91 6.24
CA TRP B 142 14.94 14.90 7.65
C TRP B 142 14.17 13.86 8.46
N ASP B 143 12.93 13.56 8.06
CA ASP B 143 12.21 12.43 8.63
C ASP B 143 13.01 11.14 8.42
N MET B 144 13.44 10.93 7.19
CA MET B 144 14.21 9.75 6.84
C MET B 144 15.52 9.69 7.62
N PHE B 145 16.15 10.84 7.78
CA PHE B 145 17.41 10.89 8.51
C PHE B 145 17.24 10.43 9.96
N VAL B 146 16.12 10.82 10.58
CA VAL B 146 15.82 10.39 11.94
C VAL B 146 15.59 8.88 12.00
N ALA B 147 14.82 8.36 11.04
CA ALA B 147 14.63 6.91 10.97
C ALA B 147 15.97 6.20 10.75
N ASP B 148 16.81 6.76 9.88
CA ASP B 148 18.12 6.16 9.61
C ASP B 148 19.03 6.20 10.85
N THR B 149 18.85 7.24 11.67
CA THR B 149 19.60 7.32 12.93
C THR B 149 19.18 6.19 13.84
N LEU B 150 17.87 6.05 14.03
CA LEU B 150 17.37 4.96 14.85
C LEU B 150 17.86 3.61 14.33
N LEU B 151 17.79 3.44 13.02
CA LEU B 151 18.11 2.17 12.38
C LEU B 151 19.59 1.90 12.17
N GLY B 152 20.42 2.94 12.27
CA GLY B 152 21.86 2.77 12.08
C GLY B 152 22.21 2.57 10.62
N ASN B 153 21.59 3.35 9.75
CA ASN B 153 21.83 3.21 8.32
C ASN B 153 23.15 3.84 7.88
N PHE B 154 24.09 3.02 7.43
CA PHE B 154 25.39 3.54 7.00
C PHE B 154 25.47 3.85 5.51
N ASP B 155 24.37 3.73 4.78
CA ASP B 155 24.46 3.96 3.35
C ASP B 155 23.19 4.53 2.73
N ARG B 156 22.66 5.59 3.31
CA ARG B 156 21.58 6.30 2.63
C ARG B 156 22.20 7.23 1.58
N HIS B 157 22.75 6.63 0.51
CA HIS B 157 23.36 7.38 -0.58
C HIS B 157 22.30 7.95 -1.53
N ASN B 158 22.71 8.75 -2.52
CA ASN B 158 21.73 9.46 -3.34
C ASN B 158 20.91 8.59 -4.29
N GLY B 159 21.32 7.35 -4.47
CA GLY B 159 20.59 6.42 -5.30
C GLY B 159 19.58 5.65 -4.47
N ASN B 160 19.59 5.84 -3.15
CA ASN B 160 18.73 5.10 -2.24
C ASN B 160 17.50 5.85 -1.75
N TRP B 161 17.14 6.91 -2.47
CA TRP B 161 15.87 7.58 -2.30
C TRP B 161 15.60 8.41 -3.54
N GLY B 162 14.36 8.87 -3.67
CA GLY B 162 14.00 9.67 -4.82
C GLY B 162 12.52 9.90 -4.99
N PHE B 163 12.11 9.88 -6.26
CA PHE B 163 10.81 10.40 -6.69
C PHE B 163 10.10 9.39 -7.58
N LEU B 164 8.79 9.54 -7.65
CA LEU B 164 8.02 8.86 -8.68
C LEU B 164 7.57 9.91 -9.67
N ARG B 165 7.82 9.63 -10.95
CA ARG B 165 7.47 10.55 -12.01
C ARG B 165 6.34 9.95 -12.83
N ALA B 166 5.31 10.74 -13.08
CA ALA B 166 4.18 10.28 -13.89
C ALA B 166 4.68 9.86 -15.27
N SER B 167 4.45 8.60 -15.63
CA SER B 167 4.91 8.07 -16.92
C SER B 167 4.38 8.92 -18.07
N ASN B 168 3.10 9.28 -18.00
CA ASN B 168 2.46 10.01 -19.08
C ASN B 168 2.12 11.44 -18.68
N SER B 169 2.88 11.96 -17.73
CA SER B 169 2.66 13.32 -17.25
C SER B 169 3.88 13.82 -16.46
N LYS B 170 4.04 15.13 -16.40
CA LYS B 170 5.15 15.72 -15.67
C LYS B 170 4.84 15.81 -14.16
N GLU B 171 4.19 14.77 -13.64
CA GLU B 171 3.76 14.74 -12.24
C GLU B 171 4.74 13.99 -11.34
N TYR B 172 5.08 14.60 -10.20
CA TYR B 172 6.03 14.01 -9.28
C TYR B 172 5.48 13.76 -7.86
N GLN B 173 5.91 12.65 -7.27
CA GLN B 173 5.69 12.37 -5.86
C GLN B 173 7.02 11.92 -5.26
N ILE B 174 7.12 11.97 -3.93
CA ILE B 174 8.28 11.39 -3.27
C ILE B 174 8.07 9.88 -3.25
N ALA B 175 9.11 9.13 -3.59
CA ALA B 175 9.03 7.68 -3.60
C ALA B 175 8.99 7.14 -2.18
N PRO B 176 8.26 6.02 -1.96
CA PRO B 176 8.29 5.39 -0.64
C PRO B 176 9.74 5.07 -0.28
N ILE B 177 10.06 5.06 1.01
CA ILE B 177 11.41 4.71 1.44
C ILE B 177 11.76 3.30 1.00
N PHE B 178 12.98 3.13 0.52
CA PHE B 178 13.43 1.83 0.01
C PHE B 178 14.93 1.64 0.24
N ASP B 179 15.42 0.45 -0.03
CA ASP B 179 16.84 0.13 0.13
C ASP B 179 17.37 0.41 1.56
N CYS B 180 16.75 -0.24 2.53
CA CYS B 180 17.16 -0.15 3.94
C CYS B 180 18.05 -1.32 4.33
N GLY B 181 18.72 -1.92 3.36
CA GLY B 181 19.59 -3.05 3.66
C GLY B 181 20.84 -2.74 4.45
N SER B 182 21.25 -1.47 4.44
CA SER B 182 22.45 -1.04 5.17
C SER B 182 22.10 -0.53 6.56
N CYS B 183 21.04 -1.11 7.13
CA CYS B 183 20.55 -0.74 8.44
C CYS B 183 20.73 -1.93 9.36
N LEU B 184 20.70 -1.68 10.67
CA LEU B 184 20.70 -2.74 11.67
C LEU B 184 21.85 -3.73 11.56
N TYR B 185 23.05 -3.22 11.29
CA TYR B 185 24.26 -4.02 11.41
C TYR B 185 24.16 -5.30 10.57
N PRO B 186 23.99 -5.16 9.24
CA PRO B 186 23.82 -6.33 8.38
C PRO B 186 24.99 -7.32 8.49
N GLN B 187 26.17 -6.84 8.84
CA GLN B 187 27.35 -7.69 8.91
C GLN B 187 27.49 -8.43 10.25
N ALA B 188 26.63 -8.11 11.20
CA ALA B 188 26.68 -8.74 12.52
C ALA B 188 26.14 -10.18 12.53
N ASP B 189 27.04 -11.15 12.39
CA ASP B 189 26.65 -12.56 12.49
C ASP B 189 26.55 -12.98 13.95
N ASP B 190 26.14 -14.22 14.18
CA ASP B 190 25.94 -14.72 15.55
C ASP B 190 27.18 -14.54 16.43
N VAL B 191 28.35 -14.72 15.83
CA VAL B 191 29.59 -14.56 16.59
C VAL B 191 29.78 -13.10 17.01
N VAL B 192 29.55 -12.19 16.07
CA VAL B 192 29.63 -10.76 16.38
C VAL B 192 28.54 -10.33 17.34
N CYS B 193 27.35 -10.90 17.17
CA CYS B 193 26.23 -10.59 18.06
C CYS B 193 26.60 -10.92 19.48
N GLN B 194 27.24 -12.08 19.66
CA GLN B 194 27.61 -12.54 20.99
C GLN B 194 28.74 -11.72 21.60
N LYS B 195 29.69 -11.31 20.76
CA LYS B 195 30.79 -10.47 21.21
C LYS B 195 30.30 -9.11 21.74
N VAL B 196 29.25 -8.58 21.11
CA VAL B 196 28.70 -7.28 21.49
C VAL B 196 27.83 -7.38 22.73
N LEU B 197 27.08 -8.47 22.84
CA LEU B 197 26.22 -8.70 23.99
C LEU B 197 27.03 -8.98 25.26
N SER B 198 28.30 -9.36 25.07
CA SER B 198 29.14 -9.72 26.22
C SER B 198 30.21 -8.66 26.52
N ASN B 199 30.30 -7.64 25.67
CA ASN B 199 31.27 -6.57 25.88
C ASN B 199 30.68 -5.18 25.65
N ILE B 200 30.60 -4.41 26.73
CA ILE B 200 30.00 -3.08 26.70
C ILE B 200 30.76 -2.08 25.83
N ASP B 201 32.07 -2.30 25.68
CA ASP B 201 32.87 -1.41 24.84
C ASP B 201 32.57 -1.66 23.36
N GLU B 202 32.33 -2.94 23.02
CA GLU B 202 31.91 -3.33 21.67
C GLU B 202 30.53 -2.79 21.34
N LEU B 203 29.66 -2.76 22.35
CA LEU B 203 28.32 -2.24 22.21
C LEU B 203 28.34 -0.72 22.00
N ASN B 204 28.96 0.00 22.93
CA ASN B 204 29.01 1.45 22.83
C ASN B 204 29.72 1.93 21.58
N ALA B 205 30.71 1.18 21.11
CA ALA B 205 31.36 1.51 19.86
C ALA B 205 30.31 1.56 18.75
N ARG B 206 29.40 0.59 18.79
CA ARG B 206 28.35 0.47 17.77
C ARG B 206 27.21 1.47 18.01
N ILE B 207 27.44 2.39 18.93
CA ILE B 207 26.50 3.48 19.20
C ILE B 207 27.14 4.84 18.87
N TYR B 208 28.31 5.07 19.45
CA TYR B 208 28.96 6.38 19.38
C TYR B 208 29.96 6.52 18.22
N ASN B 209 30.57 5.41 17.81
CA ASN B 209 31.61 5.48 16.78
C ASN B 209 31.12 5.12 15.37
N PHE B 210 30.25 4.12 15.29
CA PHE B 210 29.68 3.71 14.01
C PHE B 210 28.50 2.81 14.34
N PRO B 211 27.61 2.55 13.36
CA PRO B 211 27.58 3.10 11.99
C PRO B 211 27.43 4.62 11.95
N GLN B 212 28.00 5.22 10.92
CA GLN B 212 27.90 6.66 10.71
C GLN B 212 27.11 6.91 9.42
N SER B 213 26.52 8.09 9.31
CA SER B 213 25.81 8.43 8.09
C SER B 213 26.78 8.50 6.92
N ILE B 214 26.32 8.13 5.74
CA ILE B 214 27.14 8.26 4.54
C ILE B 214 27.14 9.72 4.09
N LEU B 215 26.22 10.52 4.63
CA LEU B 215 26.24 11.96 4.36
C LEU B 215 27.50 12.59 4.97
N LYS B 216 28.06 13.61 4.30
CA LYS B 216 29.41 14.08 4.64
C LYS B 216 29.49 15.57 5.03
N ASP B 217 30.37 15.90 5.97
CA ASP B 217 30.62 17.31 6.25
C ASP B 217 31.50 17.91 5.16
N ASP B 218 31.86 19.18 5.32
CA ASP B 218 32.61 19.88 4.29
C ASP B 218 34.09 19.50 4.25
N ASN B 219 34.50 18.66 5.18
CA ASN B 219 35.83 18.06 5.16
C ASN B 219 35.77 16.62 4.65
N ASP B 220 34.68 16.28 3.97
CA ASP B 220 34.51 14.94 3.44
C ASP B 220 34.51 13.89 4.53
N LYS B 221 34.19 14.29 5.76
CA LYS B 221 34.09 13.33 6.85
C LYS B 221 32.63 12.89 7.05
N LYS B 222 32.44 11.61 7.28
CA LYS B 222 31.11 11.03 7.51
C LYS B 222 30.47 11.67 8.73
N ILE B 223 29.16 11.92 8.63
CA ILE B 223 28.45 12.52 9.73
C ILE B 223 28.12 11.47 10.80
N ASN B 224 28.65 11.69 11.99
CA ASN B 224 28.44 10.82 13.14
C ASN B 224 27.05 11.12 13.69
N TYR B 225 26.21 10.08 13.79
CA TYR B 225 24.82 10.25 14.22
C TYR B 225 24.72 10.95 15.58
N TYR B 226 25.37 10.41 16.60
CA TYR B 226 25.31 11.05 17.92
C TYR B 226 25.84 12.48 17.94
N ASP B 227 27.05 12.67 17.41
CA ASP B 227 27.66 14.01 17.44
C ASP B 227 26.85 15.04 16.69
N PHE B 228 26.29 14.66 15.55
CA PHE B 228 25.54 15.61 14.75
C PHE B 228 24.20 15.96 15.37
N LEU B 229 23.49 14.93 15.82
CA LEU B 229 22.12 15.09 16.30
C LEU B 229 22.07 15.86 17.61
N THR B 230 23.11 15.71 18.42
CA THR B 230 23.19 16.39 19.71
C THR B 230 23.76 17.80 19.63
N GLN B 231 24.26 18.20 18.46
CA GLN B 231 24.89 19.52 18.33
C GLN B 231 24.31 20.36 17.21
N THR B 232 23.45 19.77 16.37
CA THR B 232 22.92 20.52 15.24
C THR B 232 21.99 21.65 15.69
N ASN B 233 22.04 22.75 14.94
CA ASN B 233 21.05 23.80 15.07
C ASN B 233 20.26 23.99 13.79
N ASN B 234 20.29 22.98 12.93
CA ASN B 234 19.41 22.94 11.78
C ASN B 234 17.99 22.69 12.27
N LYS B 235 17.16 23.73 12.19
CA LYS B 235 15.77 23.66 12.62
C LYS B 235 14.97 22.56 11.92
N ASP B 236 15.29 22.31 10.66
CA ASP B 236 14.64 21.26 9.88
C ASP B 236 14.88 19.89 10.49
N CYS B 237 16.10 19.69 10.98
CA CYS B 237 16.46 18.42 11.62
C CYS B 237 15.77 18.29 12.98
N LEU B 238 15.84 19.36 13.78
CA LEU B 238 15.23 19.35 15.10
C LEU B 238 13.71 19.14 15.00
N ASP B 239 13.09 19.82 14.06
CA ASP B 239 11.66 19.64 13.82
C ASP B 239 11.36 18.18 13.54
N ALA B 240 12.12 17.59 12.62
CA ALA B 240 11.91 16.17 12.27
C ALA B 240 12.01 15.28 13.50
N LEU B 241 13.00 15.55 14.35
CA LEU B 241 13.19 14.79 15.58
C LEU B 241 11.91 14.86 16.40
N LEU B 242 11.37 16.05 16.50
CA LEU B 242 10.16 16.28 17.29
C LEU B 242 8.96 15.58 16.66
N ARG B 243 8.92 15.54 15.33
CA ARG B 243 7.83 14.91 14.58
C ARG B 243 7.83 13.41 14.77
N ILE B 244 9.01 12.82 14.63
CA ILE B 244 9.14 11.38 14.57
C ILE B 244 9.16 10.71 15.94
N TYR B 245 9.72 11.38 16.95
CA TYR B 245 9.85 10.77 18.28
C TYR B 245 8.56 10.09 18.77
N PRO B 246 7.45 10.86 18.80
CA PRO B 246 6.19 10.31 19.32
C PRO B 246 5.73 9.09 18.54
N ARG B 247 6.23 8.93 17.32
CA ARG B 247 5.80 7.84 16.47
C ARG B 247 6.65 6.60 16.66
N ILE B 248 7.71 6.73 17.46
CA ILE B 248 8.51 5.59 17.87
C ILE B 248 7.74 4.80 18.91
N ASP B 249 7.43 3.55 18.59
CA ASP B 249 6.71 2.65 19.48
C ASP B 249 7.59 1.44 19.70
N MET B 250 8.35 1.45 20.79
CA MET B 250 9.31 0.38 21.03
C MET B 250 8.66 -0.98 21.23
N ASN B 251 7.46 -1.01 21.80
CA ASN B 251 6.70 -2.26 21.91
C ASN B 251 6.48 -2.93 20.53
N LYS B 252 6.03 -2.13 19.58
CA LYS B 252 5.78 -2.62 18.23
C LYS B 252 7.08 -3.01 17.57
N ILE B 253 8.11 -2.22 17.80
CA ILE B 253 9.41 -2.46 17.18
C ILE B 253 9.98 -3.78 17.66
N HIS B 254 9.89 -4.03 18.96
CA HIS B 254 10.35 -5.31 19.50
C HIS B 254 9.49 -6.48 19.03
N SER B 255 8.19 -6.25 18.87
CA SER B 255 7.30 -7.29 18.35
C SER B 255 7.70 -7.67 16.92
N ILE B 256 8.05 -6.66 16.12
CA ILE B 256 8.51 -6.93 14.76
C ILE B 256 9.73 -7.83 14.78
N ILE B 257 10.69 -7.52 15.64
CA ILE B 257 11.87 -8.35 15.77
C ILE B 257 11.44 -9.76 16.14
N ASP B 258 10.60 -9.87 17.16
CA ASP B 258 10.18 -11.18 17.67
C ASP B 258 9.53 -12.03 16.58
N ASN B 259 8.76 -11.36 15.73
CA ASN B 259 7.95 -12.05 14.74
C ASN B 259 8.63 -12.25 13.40
N THR B 260 9.91 -11.99 13.32
CA THR B 260 10.64 -12.14 12.08
C THR B 260 11.11 -13.56 11.91
N PRO B 261 10.73 -14.18 10.82
CA PRO B 261 11.10 -15.54 10.53
C PRO B 261 12.56 -15.76 10.22
N PHE B 262 13.07 -16.88 10.63
CA PHE B 262 14.32 -17.50 10.22
C PHE B 262 15.43 -16.86 11.00
N MET B 263 15.08 -15.88 11.80
CA MET B 263 16.07 -15.21 12.60
C MET B 263 16.51 -16.06 13.76
N SER B 264 17.79 -16.03 14.05
CA SER B 264 18.33 -16.72 15.18
C SER B 264 17.97 -15.97 16.45
N GLU B 265 18.02 -16.65 17.57
CA GLU B 265 17.68 -16.05 18.86
C GLU B 265 18.71 -14.99 19.28
N ILE B 266 19.98 -15.30 19.03
CA ILE B 266 21.06 -14.38 19.35
C ILE B 266 21.01 -13.16 18.43
N HIS B 267 20.45 -13.36 17.24
CA HIS B 267 20.28 -12.25 16.32
C HIS B 267 19.14 -11.35 16.81
N LYS B 268 18.01 -11.95 17.18
CA LYS B 268 16.92 -11.21 17.80
C LYS B 268 17.35 -10.49 19.08
N GLU B 269 18.03 -11.21 19.96
CA GLU B 269 18.47 -10.62 21.22
C GLU B 269 19.36 -9.43 20.92
N PHE B 270 20.27 -9.62 19.97
CA PHE B 270 21.18 -8.56 19.53
C PHE B 270 20.39 -7.35 19.01
N LEU B 271 19.41 -7.61 18.14
CA LEU B 271 18.62 -6.51 17.61
C LEU B 271 17.78 -5.81 18.70
N HIS B 272 17.14 -6.60 19.57
CA HIS B 272 16.39 -6.00 20.67
C HIS B 272 17.24 -5.06 21.49
N THR B 273 18.46 -5.50 21.79
CA THR B 273 19.35 -4.71 22.62
C THR B 273 19.78 -3.43 21.91
N MET B 274 20.26 -3.57 20.67
CA MET B 274 20.79 -2.41 19.94
C MET B 274 19.73 -1.37 19.65
N LEU B 275 18.51 -1.83 19.36
CA LEU B 275 17.40 -0.88 19.17
C LEU B 275 17.16 -0.08 20.45
N ASP B 276 17.13 -0.77 21.58
CA ASP B 276 17.00 -0.08 22.88
C ASP B 276 18.14 0.91 23.11
N GLU B 277 19.36 0.47 22.85
CA GLU B 277 20.53 1.32 23.05
C GLU B 277 20.54 2.55 22.14
N ARG B 278 20.28 2.36 20.85
CA ARG B 278 20.26 3.49 19.93
C ARG B 278 19.16 4.48 20.36
N LYS B 279 18.02 3.96 20.78
CA LYS B 279 16.89 4.81 21.18
C LYS B 279 17.22 5.66 22.43
N SER B 280 17.80 5.04 23.43
CA SER B 280 18.11 5.80 24.65
C SER B 280 19.36 6.67 24.52
N LYS B 281 20.43 6.11 23.94
CA LYS B 281 21.72 6.81 23.88
C LYS B 281 21.89 7.86 22.77
N ILE B 282 21.09 7.77 21.70
CA ILE B 282 21.12 8.77 20.65
C ILE B 282 19.80 9.54 20.53
N ILE B 283 18.72 8.81 20.20
CA ILE B 283 17.43 9.45 19.96
C ILE B 283 16.94 10.26 21.17
N ASP B 284 16.91 9.62 22.34
CA ASP B 284 16.38 10.28 23.54
C ASP B 284 17.18 11.54 23.90
N VAL B 285 18.51 11.42 23.95
CA VAL B 285 19.37 12.55 24.24
C VAL B 285 19.09 13.69 23.25
N ALA B 286 19.09 13.37 21.97
CA ALA B 286 18.92 14.39 20.95
C ALA B 286 17.55 15.04 21.07
N HIS B 287 16.56 14.22 21.41
CA HIS B 287 15.18 14.68 21.46
C HIS B 287 14.97 15.61 22.66
N THR B 288 15.52 15.23 23.81
CA THR B 288 15.50 16.08 24.99
C THR B 288 16.03 17.49 24.65
N ARG B 289 17.20 17.55 24.03
CA ARG B 289 17.76 18.82 23.60
C ARG B 289 16.83 19.56 22.64
N ALA B 290 16.29 18.85 21.66
CA ALA B 290 15.40 19.47 20.68
C ALA B 290 14.20 20.09 21.40
N ILE B 291 13.69 19.38 22.39
CA ILE B 291 12.65 19.89 23.27
C ILE B 291 13.10 21.23 23.86
N GLU B 292 14.21 21.18 24.56
CA GLU B 292 14.82 22.35 25.18
C GLU B 292 14.78 23.54 24.23
N LEU B 293 15.37 23.36 23.06
CA LEU B 293 15.54 24.46 22.11
C LEU B 293 14.22 24.95 21.53
N SER B 294 13.21 24.11 21.55
CA SER B 294 11.89 24.50 21.07
C SER B 294 11.32 25.56 22.00
N LEU B 295 11.68 25.48 23.27
CA LEU B 295 11.21 26.43 24.28
C LEU B 295 11.78 27.84 24.06
#